data_8Q4M
#
_entry.id   8Q4M
#
_cell.length_a   40.100
_cell.length_b   103.620
_cell.length_c   42.040
_cell.angle_alpha   90.000
_cell.angle_beta   105.180
_cell.angle_gamma   90.000
#
_symmetry.space_group_name_H-M   'P 1 21 1'
#
loop_
_entity.id
_entity.type
_entity.pdbx_description
1 polymer 'YTH domain-containing protein 1'
2 non-polymer 2-chloranyl-9-[(3-chlorophenyl)methyl]-~{N}-methyl-purin-6-amine
3 non-polymer 'SULFATE ION'
4 water water
#
_entity_poly.entity_id   1
_entity_poly.type   'polypeptide(L)'
_entity_poly.pdbx_seq_one_letter_code
;GTSKLKYVLQDARFFLIKSNNHENVSLAKAKGVWSTLPVNEKKLNLAFRSARSVILIFSVRESGKFQGFARLSSESHHGG
SPIHWVLPAGMSAKMLGGVFKIDWICRRELPFTKSAHLTNPWNEHKPVKIGRDGQEIELECGTQLCLLFPPDESIDLYQV
IHKMRH
;
_entity_poly.pdbx_strand_id   A,B
#
loop_
_chem_comp.id
_chem_comp.type
_chem_comp.name
_chem_comp.formula
J9B non-polymer 2-chloranyl-9-[(3-chlorophenyl)methyl]-~{N}-methyl-purin-6-amine 'C13 H11 Cl2 N5'
SO4 non-polymer 'SULFATE ION' 'O4 S -2'
#
# COMPACT_ATOMS: atom_id res chain seq x y z
N GLY A 1 5.18 2.83 -4.01
CA GLY A 1 6.30 2.05 -3.51
C GLY A 1 5.93 0.62 -3.17
N THR A 2 6.90 -0.13 -2.64
CA THR A 2 6.69 -1.52 -2.26
C THR A 2 6.76 -1.73 -0.76
N SER A 3 6.86 -0.66 0.04
CA SER A 3 7.09 -0.84 1.47
C SER A 3 5.86 -1.41 2.17
N LYS A 4 4.67 -0.89 1.88
CA LYS A 4 3.47 -1.44 2.50
C LYS A 4 3.22 -2.87 2.05
N LEU A 5 3.50 -3.18 0.77
CA LEU A 5 3.37 -4.56 0.29
C LEU A 5 4.29 -5.49 1.08
N LYS A 6 5.55 -5.10 1.26
CA LYS A 6 6.47 -5.93 2.03
C LYS A 6 5.97 -6.14 3.46
N TYR A 7 5.36 -5.11 4.04
CA TYR A 7 4.86 -5.23 5.40
C TYR A 7 3.70 -6.23 5.46
N VAL A 8 2.85 -6.23 4.44
CA VAL A 8 1.73 -7.18 4.41
C VAL A 8 2.26 -8.61 4.27
N LEU A 9 3.31 -8.80 3.48
CA LEU A 9 3.90 -10.11 3.23
C LEU A 9 4.79 -10.62 4.36
N GLN A 10 5.09 -9.79 5.34
CA GLN A 10 5.92 -10.20 6.47
C GLN A 10 5.29 -11.40 7.18
N ASP A 11 6.06 -12.47 7.27
CA ASP A 11 5.66 -13.66 8.01
C ASP A 11 4.34 -14.25 7.52
N ALA A 12 3.97 -13.95 6.27
CA ALA A 12 2.76 -14.49 5.67
C ALA A 12 2.96 -15.96 5.28
N ARG A 13 1.85 -16.64 5.05
CA ARG A 13 1.81 -17.91 4.37
C ARG A 13 1.21 -17.76 2.98
N PHE A 14 1.64 -18.59 2.05
CA PHE A 14 1.26 -18.47 0.65
C PHE A 14 0.73 -19.80 0.15
N PHE A 15 -0.33 -19.79 -0.63
CA PHE A 15 -0.91 -20.97 -1.25
C PHE A 15 -1.20 -20.73 -2.72
N LEU A 16 -0.89 -21.71 -3.55
CA LEU A 16 -1.18 -21.65 -4.98
C LEU A 16 -2.62 -22.08 -5.21
N ILE A 17 -3.40 -21.26 -5.92
CA ILE A 17 -4.76 -21.60 -6.26
C ILE A 17 -4.82 -21.83 -7.76
N LYS A 18 -5.34 -22.98 -8.17
CA LYS A 18 -5.42 -23.30 -9.58
C LYS A 18 -6.90 -23.36 -9.96
N SER A 19 -7.33 -22.45 -10.84
CA SER A 19 -8.71 -22.42 -11.30
C SER A 19 -8.76 -23.02 -12.69
N ASN A 20 -9.83 -23.78 -12.96
CA ASN A 20 -9.99 -24.40 -14.26
C ASN A 20 -10.43 -23.42 -15.34
N ASN A 21 -10.99 -22.28 -14.97
CA ASN A 21 -11.45 -21.32 -15.97
C ASN A 21 -11.27 -19.89 -15.49
N HIS A 22 -11.31 -18.97 -16.44
CA HIS A 22 -11.11 -17.55 -16.15
C HIS A 22 -12.32 -16.94 -15.47
N GLU A 23 -13.52 -17.45 -15.77
CA GLU A 23 -14.74 -16.85 -15.24
C GLU A 23 -14.74 -16.81 -13.72
N ASN A 24 -14.28 -17.89 -13.07
CA ASN A 24 -14.31 -17.87 -11.62
C ASN A 24 -13.30 -16.89 -11.04
N VAL A 25 -12.14 -16.72 -11.68
CA VAL A 25 -11.20 -15.74 -11.19
C VAL A 25 -11.72 -14.33 -11.39
N SER A 26 -12.42 -14.09 -12.52
CA SER A 26 -13.05 -12.80 -12.72
CA SER A 26 -13.05 -12.80 -12.72
C SER A 26 -14.11 -12.53 -11.66
N LEU A 27 -14.92 -13.56 -11.34
CA LEU A 27 -15.93 -13.43 -10.30
C LEU A 27 -15.27 -13.13 -8.96
N ALA A 28 -14.16 -13.80 -8.67
CA ALA A 28 -13.47 -13.59 -7.40
C ALA A 28 -12.92 -12.17 -7.28
N LYS A 29 -12.42 -11.62 -8.39
CA LYS A 29 -11.93 -10.24 -8.39
C LYS A 29 -13.07 -9.24 -8.24
N ALA A 30 -14.23 -9.55 -8.79
CA ALA A 30 -15.38 -8.64 -8.70
C ALA A 30 -16.00 -8.65 -7.31
N LYS A 31 -16.08 -9.82 -6.67
CA LYS A 31 -16.85 -9.99 -5.44
C LYS A 31 -16.02 -10.19 -4.19
N GLY A 32 -14.72 -10.41 -4.33
CA GLY A 32 -13.89 -10.55 -3.14
C GLY A 32 -14.11 -11.86 -2.41
N VAL A 33 -14.30 -12.94 -3.14
CA VAL A 33 -14.59 -14.25 -2.54
C VAL A 33 -13.84 -15.32 -3.29
N TRP A 34 -13.57 -16.43 -2.59
CA TRP A 34 -13.04 -17.61 -3.23
C TRP A 34 -13.61 -18.84 -2.56
N SER A 35 -13.75 -19.91 -3.34
CA SER A 35 -14.18 -21.20 -2.80
C SER A 35 -13.31 -22.29 -3.38
N THR A 36 -12.97 -23.28 -2.55
CA THR A 36 -12.13 -24.39 -2.99
C THR A 36 -12.70 -25.70 -2.45
N LEU A 37 -12.05 -26.80 -2.81
CA LEU A 37 -12.51 -28.12 -2.38
C LEU A 37 -12.24 -28.35 -0.88
N PRO A 38 -13.02 -29.23 -0.25
CA PRO A 38 -12.93 -29.35 1.23
C PRO A 38 -11.53 -29.64 1.75
N VAL A 39 -10.72 -30.41 1.02
CA VAL A 39 -9.36 -30.69 1.48
C VAL A 39 -8.56 -29.40 1.61
N ASN A 40 -8.67 -28.51 0.63
CA ASN A 40 -7.95 -27.24 0.69
C ASN A 40 -8.64 -26.25 1.63
N GLU A 41 -9.97 -26.31 1.72
CA GLU A 41 -10.68 -25.43 2.65
C GLU A 41 -10.20 -25.64 4.09
N LYS A 42 -10.02 -26.90 4.49
CA LYS A 42 -9.53 -27.17 5.83
C LYS A 42 -8.13 -26.60 6.02
N LYS A 43 -7.25 -26.76 5.02
CA LYS A 43 -5.89 -26.22 5.14
C LYS A 43 -5.92 -24.70 5.29
N LEU A 44 -6.77 -24.02 4.52
CA LEU A 44 -6.76 -22.56 4.56
C LEU A 44 -7.34 -22.03 5.88
N ASN A 45 -8.34 -22.70 6.43
CA ASN A 45 -8.88 -22.31 7.73
C ASN A 45 -7.83 -22.43 8.83
N LEU A 46 -7.05 -23.53 8.82
CA LEU A 46 -5.95 -23.69 9.77
C LEU A 46 -4.91 -22.60 9.59
N ALA A 47 -4.57 -22.29 8.34
CA ALA A 47 -3.55 -21.28 8.08
C ALA A 47 -4.01 -19.90 8.51
N PHE A 48 -5.30 -19.59 8.32
CA PHE A 48 -5.81 -18.26 8.66
C PHE A 48 -5.63 -17.93 10.12
N ARG A 49 -5.77 -18.93 11.00
CA ARG A 49 -5.57 -18.71 12.43
C ARG A 49 -4.10 -18.62 12.80
N SER A 50 -3.21 -19.13 11.96
CA SER A 50 -1.80 -19.32 12.29
C SER A 50 -0.89 -18.17 11.88
N ALA A 51 -1.35 -17.26 11.02
CA ALA A 51 -0.43 -16.33 10.41
C ALA A 51 -1.08 -14.96 10.32
N ARG A 52 -0.25 -13.91 10.36
CA ARG A 52 -0.75 -12.55 10.20
C ARG A 52 -1.42 -12.34 8.86
N SER A 53 -0.94 -13.01 7.80
CA SER A 53 -1.52 -12.90 6.46
C SER A 53 -1.46 -14.26 5.79
N VAL A 54 -2.55 -14.65 5.15
CA VAL A 54 -2.56 -15.82 4.28
C VAL A 54 -2.82 -15.32 2.88
N ILE A 55 -1.92 -15.62 1.95
CA ILE A 55 -1.95 -15.06 0.60
C ILE A 55 -2.29 -16.18 -0.37
N LEU A 56 -3.29 -15.97 -1.20
CA LEU A 56 -3.64 -16.86 -2.29
C LEU A 56 -3.07 -16.28 -3.58
N ILE A 57 -2.33 -17.10 -4.32
CA ILE A 57 -1.74 -16.72 -5.59
C ILE A 57 -2.44 -17.51 -6.68
N PHE A 58 -3.11 -16.82 -7.61
CA PHE A 58 -4.07 -17.45 -8.51
C PHE A 58 -3.44 -17.75 -9.87
N SER A 59 -3.72 -18.94 -10.40
CA SER A 59 -3.33 -19.25 -11.77
C SER A 59 -4.43 -20.04 -12.45
N VAL A 60 -4.90 -19.55 -13.61
CA VAL A 60 -5.89 -20.26 -14.41
C VAL A 60 -5.17 -21.33 -15.24
N ARG A 61 -5.64 -22.57 -15.13
CA ARG A 61 -5.00 -23.68 -15.84
C ARG A 61 -4.97 -23.41 -17.34
N GLU A 62 -3.82 -23.73 -17.95
CA GLU A 62 -3.51 -23.55 -19.38
C GLU A 62 -3.27 -22.10 -19.79
N SER A 63 -3.33 -21.13 -18.87
CA SER A 63 -3.11 -19.74 -19.24
C SER A 63 -1.64 -19.37 -19.31
N GLY A 64 -0.75 -20.18 -18.72
CA GLY A 64 0.65 -19.81 -18.68
C GLY A 64 0.97 -18.62 -17.81
N LYS A 65 0.05 -18.22 -16.94
CA LYS A 65 0.23 -17.01 -16.16
C LYS A 65 -0.38 -17.18 -14.79
N PHE A 66 0.07 -16.35 -13.85
CA PHE A 66 -0.68 -16.05 -12.64
C PHE A 66 -1.58 -14.83 -12.90
N GLN A 67 -2.76 -14.80 -12.28
CA GLN A 67 -3.68 -13.68 -12.53
C GLN A 67 -3.75 -12.68 -11.38
N GLY A 68 -2.96 -12.85 -10.33
CA GLY A 68 -2.96 -11.91 -9.23
C GLY A 68 -2.84 -12.61 -7.90
N PHE A 69 -2.89 -11.84 -6.81
CA PHE A 69 -2.87 -12.43 -5.48
C PHE A 69 -3.71 -11.62 -4.51
N ALA A 70 -4.19 -12.31 -3.46
CA ALA A 70 -5.14 -11.75 -2.52
C ALA A 70 -4.87 -12.30 -1.14
N ARG A 71 -5.33 -11.59 -0.12
CA ARG A 71 -5.17 -11.97 1.27
C ARG A 71 -6.50 -12.45 1.83
N LEU A 72 -6.52 -13.62 2.47
CA LEU A 72 -7.72 -14.04 3.19
C LEU A 72 -8.10 -13.02 4.25
N SER A 73 -9.38 -12.64 4.28
CA SER A 73 -9.87 -11.79 5.36
C SER A 73 -10.80 -12.53 6.31
N SER A 74 -11.14 -13.78 6.03
CA SER A 74 -11.98 -14.57 6.91
C SER A 74 -11.71 -16.05 6.71
N GLU A 75 -12.12 -16.84 7.69
CA GLU A 75 -12.31 -18.26 7.49
C GLU A 75 -13.50 -18.49 6.56
N SER A 76 -13.64 -19.72 6.08
CA SER A 76 -14.74 -20.03 5.18
C SER A 76 -16.07 -19.95 5.92
N HIS A 77 -17.11 -19.52 5.20
CA HIS A 77 -18.44 -19.40 5.79
C HIS A 77 -19.47 -19.92 4.81
N HIS A 78 -20.46 -20.65 5.34
CA HIS A 78 -21.51 -21.27 4.56
C HIS A 78 -22.82 -20.51 4.74
N GLY A 79 -23.64 -20.53 3.68
CA GLY A 79 -24.95 -19.93 3.76
C GLY A 79 -25.01 -18.56 3.10
N GLY A 80 -25.76 -18.48 2.01
CA GLY A 80 -25.98 -17.21 1.37
C GLY A 80 -25.88 -17.35 -0.13
N SER A 81 -25.69 -16.19 -0.78
CA SER A 81 -25.55 -16.02 -2.22
C SER A 81 -24.83 -17.20 -2.85
N PRO A 82 -25.54 -18.15 -3.45
CA PRO A 82 -24.87 -19.25 -4.14
C PRO A 82 -24.04 -18.67 -5.25
N ILE A 83 -22.77 -18.37 -4.97
CA ILE A 83 -21.92 -17.70 -5.94
C ILE A 83 -21.95 -18.48 -7.23
N HIS A 84 -22.24 -17.77 -8.32
CA HIS A 84 -22.51 -18.39 -9.61
C HIS A 84 -21.22 -18.87 -10.27
N TRP A 85 -20.47 -19.68 -9.53
CA TRP A 85 -19.26 -20.27 -10.08
C TRP A 85 -19.61 -21.04 -11.34
N VAL A 86 -18.73 -20.97 -12.33
CA VAL A 86 -18.84 -21.83 -13.51
C VAL A 86 -18.20 -23.16 -13.16
N LEU A 87 -19.01 -24.17 -12.97
CA LEU A 87 -18.51 -25.42 -12.43
C LEU A 87 -17.80 -26.22 -13.53
N PRO A 88 -16.57 -26.68 -13.28
CA PRO A 88 -15.94 -27.61 -14.22
C PRO A 88 -16.62 -28.97 -14.18
N ALA A 89 -16.04 -29.96 -14.86
CA ALA A 89 -16.64 -31.27 -15.01
C ALA A 89 -17.06 -31.89 -13.68
N GLY A 90 -16.13 -32.56 -13.00
CA GLY A 90 -16.45 -33.24 -11.75
C GLY A 90 -16.53 -32.31 -10.55
N MET A 91 -17.34 -31.26 -10.64
CA MET A 91 -17.43 -30.25 -9.60
C MET A 91 -18.90 -29.97 -9.30
N SER A 92 -19.30 -30.25 -8.07
CA SER A 92 -20.64 -29.91 -7.60
C SER A 92 -20.61 -28.55 -6.90
N ALA A 93 -21.79 -27.97 -6.72
CA ALA A 93 -21.89 -26.73 -5.96
C ALA A 93 -21.73 -26.95 -4.47
N LYS A 94 -21.98 -28.18 -3.99
CA LYS A 94 -21.75 -28.49 -2.58
C LYS A 94 -20.26 -28.54 -2.26
N MET A 95 -19.44 -28.94 -3.23
CA MET A 95 -17.99 -28.91 -3.03
C MET A 95 -17.49 -27.48 -2.87
N LEU A 96 -17.98 -26.58 -3.71
CA LEU A 96 -17.61 -25.16 -3.63
C LEU A 96 -18.37 -24.41 -2.56
N GLY A 97 -19.16 -25.11 -1.75
CA GLY A 97 -19.64 -24.51 -0.52
C GLY A 97 -18.50 -24.23 0.42
N GLY A 98 -18.67 -23.19 1.23
CA GLY A 98 -17.55 -22.68 2.00
C GLY A 98 -16.92 -21.54 1.23
N VAL A 99 -17.26 -20.32 1.63
CA VAL A 99 -16.84 -19.11 0.94
C VAL A 99 -15.88 -18.37 1.86
N PHE A 100 -14.69 -18.07 1.35
CA PHE A 100 -13.75 -17.19 2.03
C PHE A 100 -13.89 -15.79 1.45
N LYS A 101 -13.80 -14.79 2.31
CA LYS A 101 -13.64 -13.42 1.84
C LYS A 101 -12.16 -13.11 1.68
N ILE A 102 -11.82 -12.41 0.59
CA ILE A 102 -10.45 -12.08 0.25
C ILE A 102 -10.38 -10.60 -0.12
N ASP A 103 -9.21 -9.99 0.14
CA ASP A 103 -8.89 -8.63 -0.28
C ASP A 103 -7.77 -8.74 -1.28
N TRP A 104 -8.01 -8.29 -2.50
CA TRP A 104 -7.02 -8.37 -3.55
C TRP A 104 -5.86 -7.43 -3.22
N ILE A 105 -4.65 -7.92 -3.43
CA ILE A 105 -3.45 -7.10 -3.27
C ILE A 105 -2.95 -6.70 -4.65
N CYS A 106 -3.10 -7.59 -5.63
CA CYS A 106 -2.69 -7.31 -7.01
C CYS A 106 -3.63 -8.04 -7.95
N ARG A 107 -4.23 -7.32 -8.90
CA ARG A 107 -5.12 -7.92 -9.88
C ARG A 107 -4.47 -8.03 -11.26
N ARG A 108 -3.17 -7.74 -11.34
CA ARG A 108 -2.38 -7.81 -12.56
C ARG A 108 -1.83 -9.22 -12.77
N GLU A 109 -1.57 -9.55 -14.03
CA GLU A 109 -1.06 -10.84 -14.44
C GLU A 109 0.46 -10.87 -14.31
N LEU A 110 1.00 -12.09 -14.15
CA LEU A 110 2.44 -12.35 -14.24
C LEU A 110 2.68 -13.62 -15.05
N PRO A 111 3.34 -13.55 -16.20
CA PRO A 111 3.60 -14.78 -16.98
C PRO A 111 4.58 -15.70 -16.26
N PHE A 112 4.36 -17.01 -16.46
CA PHE A 112 5.25 -18.01 -15.85
C PHE A 112 6.71 -17.81 -16.26
N THR A 113 6.94 -17.28 -17.46
CA THR A 113 8.32 -17.05 -17.89
C THR A 113 9.08 -16.14 -16.93
N LYS A 114 8.38 -15.27 -16.19
CA LYS A 114 9.06 -14.36 -15.28
C LYS A 114 9.40 -14.98 -13.92
N SER A 115 8.81 -16.12 -13.59
CA SER A 115 9.04 -16.77 -12.31
C SER A 115 9.91 -18.01 -12.42
N ALA A 116 10.55 -18.22 -13.58
CA ALA A 116 11.30 -19.44 -13.82
C ALA A 116 12.48 -19.59 -12.89
N HIS A 117 12.95 -18.52 -12.27
CA HIS A 117 14.06 -18.60 -11.33
C HIS A 117 13.64 -18.90 -9.89
N LEU A 118 12.35 -19.14 -9.64
CA LEU A 118 11.86 -19.37 -8.28
C LEU A 118 11.38 -20.81 -8.15
N THR A 119 11.93 -21.54 -7.17
CA THR A 119 11.53 -22.91 -6.88
C THR A 119 10.93 -22.98 -5.49
N ASN A 120 10.04 -23.94 -5.29
CA ASN A 120 9.27 -24.07 -4.06
C ASN A 120 9.80 -25.26 -3.27
N PRO A 121 10.44 -25.03 -2.12
CA PRO A 121 10.94 -26.17 -1.31
C PRO A 121 9.86 -27.14 -0.90
N TRP A 122 8.61 -26.67 -0.74
CA TRP A 122 7.53 -27.55 -0.32
C TRP A 122 6.95 -28.38 -1.45
N ASN A 123 7.42 -28.18 -2.70
CA ASN A 123 7.09 -29.06 -3.82
C ASN A 123 8.38 -29.48 -4.52
N GLU A 124 9.30 -30.05 -3.75
CA GLU A 124 10.49 -30.72 -4.30
C GLU A 124 11.37 -29.75 -5.10
N HIS A 125 11.30 -28.44 -4.79
CA HIS A 125 12.09 -27.43 -5.47
C HIS A 125 11.78 -27.36 -6.96
N LYS A 126 10.57 -27.76 -7.33
CA LYS A 126 10.07 -27.52 -8.66
C LYS A 126 9.77 -26.03 -8.84
N PRO A 127 9.80 -25.56 -10.09
CA PRO A 127 9.41 -24.17 -10.35
C PRO A 127 8.06 -23.86 -9.72
N VAL A 128 7.96 -22.65 -9.15
CA VAL A 128 6.80 -22.30 -8.34
C VAL A 128 5.50 -22.36 -9.14
N LYS A 129 5.56 -22.18 -10.45
CA LYS A 129 4.36 -22.36 -11.27
C LYS A 129 3.81 -23.78 -11.18
N ILE A 130 4.62 -24.76 -10.81
CA ILE A 130 4.18 -26.14 -10.77
C ILE A 130 3.61 -26.45 -9.40
N GLY A 131 2.41 -26.98 -9.38
CA GLY A 131 1.78 -27.37 -8.13
C GLY A 131 0.29 -27.59 -8.31
N ARG A 132 -0.28 -28.42 -7.46
CA ARG A 132 -1.70 -28.68 -7.45
C ARG A 132 -2.42 -27.53 -6.74
N ASP A 133 -3.72 -27.43 -6.98
CA ASP A 133 -4.54 -26.46 -6.27
C ASP A 133 -4.33 -26.67 -4.78
N GLY A 134 -4.00 -25.59 -4.08
CA GLY A 134 -3.81 -25.62 -2.64
C GLY A 134 -2.38 -25.86 -2.18
N GLN A 135 -1.44 -26.04 -3.09
CA GLN A 135 -0.05 -26.29 -2.72
C GLN A 135 0.51 -25.09 -1.96
N GLU A 136 1.07 -25.33 -0.77
CA GLU A 136 1.71 -24.27 -0.03
C GLU A 136 3.05 -23.88 -0.66
N ILE A 137 3.32 -22.58 -0.68
CA ILE A 137 4.58 -22.04 -1.17
C ILE A 137 5.35 -21.49 0.03
N GLU A 138 6.59 -21.94 0.20
CA GLU A 138 7.43 -21.51 1.32
C GLU A 138 7.63 -19.99 1.31
N LEU A 139 7.82 -19.43 2.51
CA LEU A 139 7.86 -17.97 2.74
C LEU A 139 8.73 -17.22 1.75
N GLU A 140 10.01 -17.60 1.63
CA GLU A 140 10.92 -16.80 0.81
C GLU A 140 10.52 -16.85 -0.66
N CYS A 141 10.19 -18.04 -1.16
CA CYS A 141 9.72 -18.18 -2.54
C CYS A 141 8.45 -17.37 -2.75
N GLY A 142 7.48 -17.50 -1.84
CA GLY A 142 6.22 -16.78 -1.98
C GLY A 142 6.40 -15.29 -1.96
N THR A 143 7.26 -14.78 -1.07
CA THR A 143 7.53 -13.35 -1.01
C THR A 143 8.12 -12.86 -2.31
N GLN A 144 9.16 -13.54 -2.81
CA GLN A 144 9.77 -13.14 -4.07
C GLN A 144 8.80 -13.22 -5.24
N LEU A 145 7.92 -14.22 -5.25
CA LEU A 145 6.96 -14.34 -6.34
C LEU A 145 6.01 -13.14 -6.34
N CYS A 146 5.50 -12.78 -5.16
CA CYS A 146 4.57 -11.66 -5.10
C CYS A 146 5.23 -10.35 -5.50
N LEU A 147 6.50 -10.17 -5.15
CA LEU A 147 7.22 -8.96 -5.51
C LEU A 147 7.53 -8.89 -7.00
N LEU A 148 7.40 -9.98 -7.75
CA LEU A 148 7.60 -9.93 -9.20
C LEU A 148 6.41 -9.34 -9.96
N PHE A 149 5.21 -9.38 -9.38
CA PHE A 149 4.05 -8.90 -10.11
C PHE A 149 4.19 -7.39 -10.37
N PRO A 150 3.66 -6.91 -11.48
CA PRO A 150 3.59 -5.46 -11.70
C PRO A 150 2.85 -4.80 -10.56
N PRO A 151 3.26 -3.61 -10.15
CA PRO A 151 2.48 -2.87 -9.13
C PRO A 151 1.06 -2.63 -9.60
N ASP A 152 0.10 -2.80 -8.68
CA ASP A 152 -1.31 -2.50 -8.92
C ASP A 152 -1.68 -1.20 -8.20
N GLU A 153 -1.51 -0.08 -8.91
CA GLU A 153 -1.69 1.23 -8.29
C GLU A 153 -3.16 1.56 -7.99
N SER A 154 -4.09 0.70 -8.41
CA SER A 154 -5.49 0.86 -8.07
C SER A 154 -5.82 0.41 -6.65
N ILE A 155 -4.89 -0.23 -5.94
CA ILE A 155 -5.16 -0.81 -4.63
C ILE A 155 -4.39 0.00 -3.59
N ASP A 156 -5.07 0.33 -2.48
CA ASP A 156 -4.46 1.02 -1.35
C ASP A 156 -4.38 0.00 -0.22
N LEU A 157 -3.15 -0.36 0.16
CA LEU A 157 -2.95 -1.38 1.20
C LEU A 157 -3.19 -0.86 2.61
N TYR A 158 -3.49 0.42 2.78
CA TYR A 158 -3.72 0.96 4.11
C TYR A 158 -4.83 0.19 4.82
N GLN A 159 -5.93 -0.10 4.11
CA GLN A 159 -7.03 -0.81 4.76
C GLN A 159 -6.67 -2.26 5.06
N VAL A 160 -5.86 -2.88 4.20
CA VAL A 160 -5.41 -4.25 4.43
C VAL A 160 -4.61 -4.35 5.72
N ILE A 161 -3.66 -3.44 5.90
CA ILE A 161 -2.86 -3.40 7.12
C ILE A 161 -3.72 -3.27 8.38
N HIS A 162 -4.84 -2.56 8.30
CA HIS A 162 -5.70 -2.41 9.47
C HIS A 162 -6.45 -3.71 9.79
N LYS A 163 -6.73 -4.54 8.77
CA LYS A 163 -7.31 -5.85 9.04
C LYS A 163 -6.37 -6.70 9.89
N MET A 164 -5.07 -6.44 9.79
CA MET A 164 -4.06 -7.19 10.52
C MET A 164 -4.04 -6.70 11.96
N GLY B 1 0.93 22.19 25.56
CA GLY B 1 0.36 23.05 24.54
C GLY B 1 0.11 22.34 23.22
N THR B 2 -0.06 21.02 23.29
CA THR B 2 -0.16 20.19 22.10
C THR B 2 -1.60 19.76 21.77
N SER B 3 -2.61 20.25 22.51
CA SER B 3 -3.98 19.78 22.29
C SER B 3 -4.44 20.03 20.85
N LYS B 4 -4.19 21.23 20.32
CA LYS B 4 -4.62 21.51 18.95
C LYS B 4 -3.92 20.61 17.94
N LEU B 5 -2.60 20.50 18.03
CA LEU B 5 -1.87 19.68 17.07
C LEU B 5 -2.29 18.22 17.17
N LYS B 6 -2.45 17.70 18.39
CA LYS B 6 -2.90 16.32 18.53
C LYS B 6 -4.28 16.11 17.91
N TYR B 7 -5.16 17.12 17.99
CA TYR B 7 -6.46 17.02 17.34
C TYR B 7 -6.31 16.92 15.82
N VAL B 8 -5.43 17.73 15.25
CA VAL B 8 -5.20 17.72 13.81
C VAL B 8 -4.65 16.38 13.35
N LEU B 9 -3.82 15.74 14.19
CA LEU B 9 -3.15 14.51 13.80
C LEU B 9 -3.92 13.25 14.15
N GLN B 10 -5.05 13.34 14.83
CA GLN B 10 -5.77 12.13 15.19
C GLN B 10 -6.27 11.45 13.91
N ASP B 11 -5.99 10.15 13.79
CA ASP B 11 -6.40 9.36 12.63
C ASP B 11 -5.78 9.84 11.32
N ALA B 12 -4.64 10.53 11.37
CA ALA B 12 -4.02 11.04 10.15
C ALA B 12 -3.25 9.93 9.42
N ARG B 13 -3.02 10.13 8.13
CA ARG B 13 -2.00 9.39 7.38
C ARG B 13 -0.83 10.32 7.11
N PHE B 14 0.38 9.76 7.06
CA PHE B 14 1.62 10.51 6.99
C PHE B 14 2.46 10.01 5.83
N PHE B 15 3.05 10.93 5.07
CA PHE B 15 3.91 10.59 3.96
C PHE B 15 5.18 11.42 4.01
N LEU B 16 6.32 10.77 3.84
CA LEU B 16 7.58 11.46 3.66
C LEU B 16 7.68 12.03 2.26
N ILE B 17 8.06 13.30 2.17
CA ILE B 17 8.30 13.99 0.90
C ILE B 17 9.78 14.28 0.81
N LYS B 18 10.42 13.82 -0.25
CA LYS B 18 11.85 14.05 -0.44
C LYS B 18 12.00 14.96 -1.65
N SER B 19 12.50 16.17 -1.42
CA SER B 19 12.71 17.13 -2.48
C SER B 19 14.18 17.13 -2.88
N ASN B 20 14.43 17.31 -4.16
CA ASN B 20 15.80 17.33 -4.61
C ASN B 20 16.45 18.70 -4.51
N ASN B 21 15.66 19.77 -4.30
CA ASN B 21 16.25 21.09 -4.12
C ASN B 21 15.51 21.84 -3.01
N HIS B 22 16.20 22.81 -2.44
CA HIS B 22 15.60 23.69 -1.43
C HIS B 22 14.59 24.66 -2.04
N GLU B 23 14.72 24.97 -3.33
CA GLU B 23 13.97 26.07 -3.91
C GLU B 23 12.48 25.74 -4.01
N ASN B 24 12.16 24.49 -4.38
CA ASN B 24 10.75 24.12 -4.48
C ASN B 24 10.10 24.05 -3.10
N VAL B 25 10.86 23.67 -2.07
CA VAL B 25 10.31 23.72 -0.71
C VAL B 25 10.06 25.16 -0.29
N SER B 26 10.99 26.08 -0.60
CA SER B 26 10.75 27.48 -0.26
CA SER B 26 10.76 27.49 -0.28
C SER B 26 9.54 28.03 -1.00
N LEU B 27 9.42 27.69 -2.29
CA LEU B 27 8.22 28.05 -3.02
C LEU B 27 6.97 27.50 -2.34
N ALA B 28 7.01 26.22 -1.97
CA ALA B 28 5.84 25.56 -1.42
C ALA B 28 5.45 26.13 -0.07
N LYS B 29 6.45 26.50 0.74
CA LYS B 29 6.18 27.10 2.05
C LYS B 29 5.46 28.42 1.91
N ALA B 30 5.80 29.21 0.87
CA ALA B 30 5.20 30.53 0.75
C ALA B 30 3.82 30.46 0.12
N LYS B 31 3.65 29.60 -0.88
CA LYS B 31 2.45 29.57 -1.69
C LYS B 31 1.42 28.53 -1.24
N GLY B 32 1.81 27.54 -0.44
CA GLY B 32 0.82 26.56 0.02
C GLY B 32 0.43 25.53 -1.02
N VAL B 33 1.39 25.05 -1.79
CA VAL B 33 1.14 24.08 -2.85
C VAL B 33 2.25 23.05 -2.86
N TRP B 34 1.92 21.87 -3.39
CA TRP B 34 2.91 20.84 -3.65
C TRP B 34 2.47 20.03 -4.87
N SER B 35 3.46 19.50 -5.58
CA SER B 35 3.28 18.57 -6.68
C SER B 35 4.31 17.45 -6.58
N THR B 36 3.89 16.24 -6.99
CA THR B 36 4.77 15.08 -6.91
C THR B 36 4.58 14.22 -8.17
N LEU B 37 5.36 13.13 -8.26
CA LEU B 37 5.30 12.25 -9.42
C LEU B 37 4.01 11.44 -9.45
N PRO B 38 3.56 11.01 -10.63
CA PRO B 38 2.23 10.38 -10.74
C PRO B 38 1.99 9.21 -9.79
N VAL B 39 3.01 8.41 -9.48
CA VAL B 39 2.83 7.28 -8.56
C VAL B 39 2.41 7.78 -7.18
N ASN B 40 3.16 8.75 -6.64
CA ASN B 40 2.80 9.32 -5.35
C ASN B 40 1.54 10.19 -5.45
N GLU B 41 1.36 10.91 -6.56
CA GLU B 41 0.13 11.68 -6.73
C GLU B 41 -1.11 10.81 -6.52
N LYS B 42 -1.09 9.61 -7.09
CA LYS B 42 -2.22 8.70 -6.95
C LYS B 42 -2.39 8.25 -5.50
N LYS B 43 -1.28 7.83 -4.86
CA LYS B 43 -1.31 7.43 -3.46
C LYS B 43 -1.87 8.54 -2.57
N LEU B 44 -1.47 9.78 -2.81
CA LEU B 44 -1.92 10.88 -1.97
C LEU B 44 -3.40 11.22 -2.22
N ASN B 45 -3.85 11.07 -3.47
CA ASN B 45 -5.26 11.29 -3.76
C ASN B 45 -6.13 10.24 -3.08
N LEU B 46 -5.69 8.98 -3.11
CA LEU B 46 -6.43 7.94 -2.38
C LEU B 46 -6.46 8.25 -0.90
N ALA B 47 -5.33 8.66 -0.33
CA ALA B 47 -5.28 8.92 1.11
C ALA B 47 -6.16 10.10 1.48
N PHE B 48 -6.21 11.12 0.62
CA PHE B 48 -7.00 12.31 0.93
C PHE B 48 -8.48 11.98 1.06
N ARG B 49 -9.01 11.13 0.17
CA ARG B 49 -10.42 10.79 0.26
C ARG B 49 -10.73 9.90 1.46
N SER B 50 -9.76 9.12 1.93
CA SER B 50 -10.02 8.12 2.96
C SER B 50 -9.71 8.57 4.37
N ALA B 51 -8.83 9.55 4.54
CA ALA B 51 -8.29 9.90 5.84
C ALA B 51 -8.78 11.27 6.29
N ARG B 52 -8.90 11.42 7.60
CA ARG B 52 -9.34 12.69 8.19
C ARG B 52 -8.33 13.80 7.95
N SER B 53 -7.03 13.49 7.96
CA SER B 53 -5.94 14.40 7.63
C SER B 53 -4.87 13.60 6.89
N VAL B 54 -4.25 14.22 5.89
CA VAL B 54 -3.08 13.66 5.21
C VAL B 54 -1.93 14.64 5.41
N ILE B 55 -0.87 14.17 6.06
CA ILE B 55 0.24 14.99 6.48
C ILE B 55 1.43 14.65 5.60
N LEU B 56 2.05 15.66 5.01
CA LEU B 56 3.30 15.54 4.27
C LEU B 56 4.42 16.08 5.14
N ILE B 57 5.46 15.27 5.35
CA ILE B 57 6.63 15.66 6.14
C ILE B 57 7.79 15.79 5.17
N PHE B 58 8.37 16.98 5.07
CA PHE B 58 9.30 17.31 4.00
C PHE B 58 10.74 17.18 4.43
N SER B 59 11.58 16.62 3.55
CA SER B 59 13.02 16.57 3.75
C SER B 59 13.74 16.76 2.41
N VAL B 60 14.57 17.78 2.32
CA VAL B 60 15.36 18.04 1.13
C VAL B 60 16.55 17.08 1.12
N ARG B 61 16.77 16.44 -0.02
CA ARG B 61 17.84 15.47 -0.16
C ARG B 61 19.16 16.09 0.27
N GLU B 62 19.90 15.35 1.10
CA GLU B 62 21.24 15.68 1.59
C GLU B 62 21.28 16.81 2.64
N SER B 63 20.14 17.34 3.07
CA SER B 63 20.19 18.41 4.07
C SER B 63 20.43 17.91 5.49
N GLY B 64 20.21 16.62 5.75
CA GLY B 64 20.28 16.11 7.10
C GLY B 64 19.17 16.57 8.02
N LYS B 65 18.09 17.12 7.45
CA LYS B 65 17.01 17.66 8.26
C LYS B 65 15.68 17.46 7.56
N PHE B 66 14.61 17.53 8.36
CA PHE B 66 13.27 17.81 7.86
C PHE B 66 13.07 19.32 7.86
N GLN B 67 12.33 19.82 6.89
CA GLN B 67 12.09 21.25 6.77
C GLN B 67 10.71 21.68 7.21
N GLY B 68 9.85 20.76 7.59
CA GLY B 68 8.53 21.10 8.08
C GLY B 68 7.52 20.06 7.67
N PHE B 69 6.25 20.33 8.00
CA PHE B 69 5.17 19.43 7.64
C PHE B 69 3.88 20.22 7.39
N ALA B 70 3.01 19.61 6.60
CA ALA B 70 1.83 20.31 6.10
C ALA B 70 0.70 19.30 5.92
N ARG B 71 -0.52 19.80 5.87
CA ARG B 71 -1.72 18.99 5.70
C ARG B 71 -2.32 19.26 4.33
N LEU B 72 -2.64 18.21 3.58
CA LEU B 72 -3.37 18.38 2.33
C LEU B 72 -4.73 19.02 2.60
N SER B 73 -5.06 20.06 1.83
CA SER B 73 -6.42 20.60 1.88
C SER B 73 -7.22 20.28 0.62
N SER B 74 -6.60 19.68 -0.38
CA SER B 74 -7.30 19.28 -1.61
C SER B 74 -6.60 18.09 -2.24
N GLU B 75 -7.37 17.34 -3.02
CA GLU B 75 -6.76 16.42 -3.98
C GLU B 75 -5.98 17.22 -5.02
N SER B 76 -5.19 16.53 -5.82
CA SER B 76 -4.47 17.22 -6.89
C SER B 76 -5.46 17.74 -7.93
N HIS B 77 -5.15 18.90 -8.48
CA HIS B 77 -5.99 19.53 -9.49
C HIS B 77 -5.09 19.96 -10.64
N HIS B 78 -5.53 19.71 -11.86
CA HIS B 78 -4.82 20.16 -13.05
C HIS B 78 -5.52 21.40 -13.62
N GLY B 79 -4.79 22.13 -14.45
CA GLY B 79 -5.36 23.26 -15.15
C GLY B 79 -5.26 24.59 -14.45
N GLY B 80 -4.88 24.62 -13.17
CA GLY B 80 -4.68 25.88 -12.49
C GLY B 80 -3.50 26.64 -13.05
N SER B 81 -3.24 27.84 -12.55
CA SER B 81 -2.12 28.63 -13.06
C SER B 81 -0.82 27.86 -12.86
N PRO B 82 0.08 27.85 -13.85
CA PRO B 82 1.30 27.05 -13.72
C PRO B 82 2.11 27.46 -12.49
N ILE B 83 2.32 26.52 -11.58
CA ILE B 83 3.38 26.69 -10.60
C ILE B 83 4.71 26.50 -11.30
N HIS B 84 5.60 27.47 -11.19
CA HIS B 84 6.88 27.39 -11.88
C HIS B 84 7.93 26.76 -10.96
N TRP B 85 7.72 25.47 -10.68
CA TRP B 85 8.72 24.68 -9.99
C TRP B 85 10.07 24.79 -10.67
N VAL B 86 11.13 24.70 -9.88
CA VAL B 86 12.48 24.51 -10.41
C VAL B 86 12.61 23.02 -10.70
N LEU B 87 12.67 22.66 -11.98
CA LEU B 87 12.59 21.26 -12.37
C LEU B 87 13.99 20.64 -12.35
N PRO B 88 14.23 19.63 -11.52
CA PRO B 88 15.48 18.88 -11.65
C PRO B 88 15.53 18.17 -13.00
N ALA B 89 16.74 17.75 -13.38
CA ALA B 89 16.98 17.28 -14.74
C ALA B 89 16.04 16.15 -15.12
N GLY B 90 15.82 15.20 -14.22
CA GLY B 90 14.95 14.09 -14.54
C GLY B 90 13.48 14.41 -14.44
N MET B 91 13.09 15.66 -14.67
CA MET B 91 11.71 16.04 -14.42
C MET B 91 11.23 17.00 -15.50
N SER B 92 9.91 17.09 -15.65
CA SER B 92 9.28 17.96 -16.62
C SER B 92 7.94 18.42 -16.05
N ALA B 93 7.47 19.59 -16.51
CA ALA B 93 6.27 20.20 -15.94
C ALA B 93 5.08 19.26 -15.96
N LYS B 94 4.92 18.48 -17.04
CA LYS B 94 3.79 17.56 -17.15
C LYS B 94 3.81 16.51 -16.04
N MET B 95 5.01 16.01 -15.67
CA MET B 95 5.13 15.13 -14.50
C MET B 95 4.51 15.75 -13.24
N LEU B 96 4.67 17.05 -13.04
CA LEU B 96 4.19 17.73 -11.84
C LEU B 96 2.89 18.47 -12.07
N GLY B 97 2.08 18.01 -13.04
CA GLY B 97 0.88 18.74 -13.40
C GLY B 97 -0.13 18.82 -12.27
N GLY B 98 -0.26 17.77 -11.47
CA GLY B 98 -1.22 17.78 -10.39
C GLY B 98 -0.75 18.67 -9.25
N VAL B 99 -1.59 19.62 -8.87
CA VAL B 99 -1.24 20.55 -7.80
C VAL B 99 -2.16 20.30 -6.61
N PHE B 100 -1.55 19.93 -5.48
CA PHE B 100 -2.25 19.85 -4.20
C PHE B 100 -2.12 21.19 -3.50
N LYS B 101 -3.23 21.66 -2.92
CA LYS B 101 -3.17 22.74 -1.96
C LYS B 101 -2.83 22.15 -0.59
N ILE B 102 -1.96 22.82 0.17
CA ILE B 102 -1.52 22.34 1.48
C ILE B 102 -1.51 23.51 2.46
N ASP B 103 -1.78 23.20 3.72
CA ASP B 103 -1.71 24.17 4.82
C ASP B 103 -0.55 23.74 5.71
N TRP B 104 0.49 24.58 5.78
CA TRP B 104 1.64 24.28 6.59
C TRP B 104 1.27 24.32 8.07
N ILE B 105 1.78 23.33 8.78
CA ILE B 105 1.63 23.25 10.23
C ILE B 105 2.91 23.65 10.94
N CYS B 106 4.06 23.37 10.35
CA CYS B 106 5.33 23.83 10.89
C CYS B 106 6.26 24.04 9.71
N ARG B 107 6.92 25.19 9.67
CA ARG B 107 7.87 25.47 8.60
C ARG B 107 9.28 25.55 9.16
N ARG B 108 9.49 25.10 10.39
CA ARG B 108 10.79 25.11 11.02
C ARG B 108 11.48 23.77 10.85
N GLU B 109 12.81 23.80 10.90
CA GLU B 109 13.59 22.62 10.63
C GLU B 109 13.64 21.70 11.85
N LEU B 110 13.75 20.41 11.59
CA LEU B 110 14.03 19.41 12.61
C LEU B 110 15.21 18.57 12.15
N PRO B 111 16.36 18.66 12.81
CA PRO B 111 17.51 17.85 12.40
C PRO B 111 17.27 16.37 12.65
N PHE B 112 17.84 15.55 11.76
CA PHE B 112 17.70 14.11 11.88
C PHE B 112 18.19 13.62 13.24
N THR B 113 19.12 14.36 13.85
CA THR B 113 19.63 13.96 15.16
C THR B 113 18.54 13.93 16.22
N LYS B 114 17.51 14.76 16.06
CA LYS B 114 16.45 14.79 17.06
C LYS B 114 15.38 13.72 16.85
N SER B 115 15.40 13.00 15.73
CA SER B 115 14.45 11.92 15.46
C SER B 115 15.12 10.57 15.44
N ALA B 116 16.36 10.50 15.93
CA ALA B 116 17.14 9.28 15.80
C ALA B 116 16.49 8.09 16.49
N HIS B 117 15.63 8.33 17.48
CA HIS B 117 15.01 7.26 18.25
C HIS B 117 13.72 6.75 17.65
N LEU B 118 13.20 7.35 16.58
CA LEU B 118 11.93 6.95 15.99
C LEU B 118 12.16 6.08 14.76
N THR B 119 11.47 4.94 14.71
CA THR B 119 11.56 3.99 13.62
C THR B 119 10.18 3.74 13.02
N ASN B 120 10.15 3.52 11.70
CA ASN B 120 8.89 3.40 10.97
C ASN B 120 8.59 1.92 10.73
N PRO B 121 7.57 1.35 11.37
CA PRO B 121 7.26 -0.08 11.15
C PRO B 121 6.92 -0.45 9.72
N TRP B 122 6.38 0.49 8.93
CA TRP B 122 6.02 0.25 7.54
C TRP B 122 7.19 0.48 6.59
N ASN B 123 8.39 0.74 7.13
CA ASN B 123 9.63 0.70 6.36
C ASN B 123 10.66 -0.14 7.10
N GLU B 124 10.27 -1.38 7.42
CA GLU B 124 11.15 -2.39 7.99
C GLU B 124 11.78 -1.94 9.30
N HIS B 125 11.10 -1.05 10.02
CA HIS B 125 11.51 -0.61 11.35
C HIS B 125 12.81 0.18 11.31
N LYS B 126 13.10 0.79 10.16
CA LYS B 126 14.27 1.64 9.97
C LYS B 126 13.98 3.03 10.54
N PRO B 127 15.02 3.80 10.88
CA PRO B 127 14.80 5.15 11.41
C PRO B 127 14.01 5.98 10.42
N VAL B 128 13.13 6.82 10.96
CA VAL B 128 12.09 7.46 10.14
C VAL B 128 12.70 8.40 9.10
N LYS B 129 13.91 8.90 9.32
CA LYS B 129 14.57 9.75 8.34
C LYS B 129 14.90 8.98 7.06
N ILE B 130 14.91 7.65 7.11
CA ILE B 130 15.26 6.85 5.95
C ILE B 130 13.99 6.54 5.17
N GLY B 131 13.98 6.89 3.89
CA GLY B 131 12.86 6.53 3.05
C GLY B 131 12.86 7.24 1.72
N ARG B 132 12.14 6.67 0.77
CA ARG B 132 12.01 7.22 -0.55
C ARG B 132 10.91 8.30 -0.53
N ASP B 133 10.95 9.19 -1.51
CA ASP B 133 9.84 10.11 -1.74
C ASP B 133 8.51 9.37 -1.75
N GLY B 134 7.59 9.80 -0.90
CA GLY B 134 6.28 9.20 -0.84
C GLY B 134 6.13 8.04 0.13
N GLN B 135 7.22 7.63 0.80
CA GLN B 135 7.16 6.57 1.81
C GLN B 135 6.09 6.84 2.86
N GLU B 136 5.14 5.93 3.03
CA GLU B 136 4.13 6.15 4.07
C GLU B 136 4.69 5.81 5.44
N ILE B 137 4.33 6.63 6.43
CA ILE B 137 4.80 6.47 7.80
C ILE B 137 3.63 6.05 8.66
N GLU B 138 3.85 5.01 9.45
CA GLU B 138 2.80 4.48 10.31
C GLU B 138 2.33 5.55 11.30
N LEU B 139 1.05 5.45 11.70
CA LEU B 139 0.36 6.51 12.45
C LEU B 139 1.13 6.95 13.70
N GLU B 140 1.51 6.01 14.58
CA GLU B 140 2.14 6.44 15.82
C GLU B 140 3.53 7.03 15.57
N CYS B 141 4.29 6.45 14.64
CA CYS B 141 5.60 7.02 14.31
C CYS B 141 5.43 8.43 13.72
N GLY B 142 4.48 8.59 12.81
CA GLY B 142 4.27 9.89 12.20
C GLY B 142 3.84 10.93 13.20
N THR B 143 2.94 10.55 14.12
CA THR B 143 2.48 11.47 15.15
C THR B 143 3.64 11.92 16.03
N GLN B 144 4.47 10.98 16.48
CA GLN B 144 5.58 11.37 17.34
C GLN B 144 6.61 12.20 16.59
N LEU B 145 6.84 11.91 15.30
CA LEU B 145 7.75 12.73 14.52
C LEU B 145 7.25 14.18 14.43
N CYS B 146 5.96 14.36 14.12
CA CYS B 146 5.42 15.71 14.06
C CYS B 146 5.52 16.45 15.38
N LEU B 147 5.39 15.73 16.50
CA LEU B 147 5.42 16.38 17.81
C LEU B 147 6.82 16.82 18.19
N LEU B 148 7.84 16.31 17.52
CA LEU B 148 9.23 16.71 17.77
C LEU B 148 9.54 18.11 17.25
N PHE B 149 8.82 18.58 16.24
CA PHE B 149 9.15 19.86 15.63
C PHE B 149 8.89 20.99 16.62
N PRO B 150 9.70 22.05 16.58
CA PRO B 150 9.48 23.19 17.47
C PRO B 150 8.22 23.95 17.08
N PRO B 151 7.61 24.68 18.01
CA PRO B 151 6.42 25.46 17.64
C PRO B 151 6.77 26.54 16.63
N ASP B 152 5.86 26.79 15.71
CA ASP B 152 6.08 27.77 14.66
C ASP B 152 5.12 28.93 14.89
N GLU B 153 5.67 30.09 15.26
CA GLU B 153 4.89 31.26 15.60
C GLU B 153 4.31 31.98 14.38
N SER B 154 4.76 31.62 13.17
CA SER B 154 4.19 32.16 11.95
C SER B 154 2.90 31.45 11.54
N ILE B 155 2.54 30.36 12.23
CA ILE B 155 1.45 29.48 11.83
C ILE B 155 0.31 29.62 12.81
N ASP B 156 -0.91 29.73 12.27
CA ASP B 156 -2.16 29.69 13.03
C ASP B 156 -2.91 28.43 12.63
N LEU B 157 -3.08 27.50 13.58
CA LEU B 157 -3.82 26.26 13.28
C LEU B 157 -5.30 26.47 13.05
N TYR B 158 -5.83 27.69 13.27
CA TYR B 158 -7.27 27.90 13.24
C TYR B 158 -7.88 27.52 11.89
N GLN B 159 -7.28 27.95 10.78
CA GLN B 159 -7.82 27.61 9.47
C GLN B 159 -7.85 26.11 9.23
N VAL B 160 -6.80 25.41 9.67
CA VAL B 160 -6.74 23.96 9.48
C VAL B 160 -7.88 23.29 10.25
N ILE B 161 -8.04 23.66 11.52
CA ILE B 161 -9.04 23.01 12.36
C ILE B 161 -10.43 23.19 11.76
N HIS B 162 -10.71 24.36 11.18
CA HIS B 162 -11.99 24.60 10.54
C HIS B 162 -12.12 23.94 9.17
N LYS B 163 -11.04 23.38 8.62
CA LYS B 163 -11.11 22.62 7.38
C LYS B 163 -11.40 21.14 7.63
N MET B 164 -11.57 20.73 8.88
CA MET B 164 -11.74 19.32 9.20
C MET B 164 -13.19 19.05 9.58
C10 J9B C . -9.36 -26.68 -9.54
C13 J9B C . -11.69 -29.75 -10.67
C15 J9B C . -11.30 -30.81 -9.64
C17 J9B C . -9.60 -29.11 -8.53
C02 J9B C . -12.57 -23.66 -10.84
C04 J9B C . -12.69 -23.21 -8.41
C06 J9B C . -14.23 -21.46 -7.52
C07 J9B C . -11.60 -24.26 -8.16
C08 J9B C . -11.07 -24.93 -9.21
C11 J9B C . -10.00 -28.06 -9.57
C12 J9B C . -11.04 -28.37 -10.64
C16 J9B C . -10.26 -30.49 -8.57
C18 J9B C . -10.11 -25.64 -7.40
N03 J9B C . -13.14 -22.95 -9.73
N05 J9B C . -13.25 -22.50 -7.29
N09 J9B C . -10.15 -25.78 -8.74
N19 J9B C . -11.00 -24.70 -7.05
N20 J9B C . -11.53 -24.67 -10.61
CL01 J9B C . -13.11 -23.35 -12.51
CL14 J9B C . -12.90 -30.12 -11.93
S SO4 D . 4.65 2.75 0.22
O1 SO4 D . 4.08 1.48 0.68
O2 SO4 D . 4.46 3.81 1.21
O3 SO4 D . 3.99 3.06 -1.04
O4 SO4 D . 6.06 2.52 -0.05
S SO4 E . -20.45 -21.01 8.75
O1 SO4 E . -19.67 -20.26 9.75
O2 SO4 E . -21.58 -21.67 9.42
O3 SO4 E . -20.95 -20.07 7.75
O4 SO4 E . -19.62 -22.03 8.11
C10 J9B F . 11.78 14.00 -5.78
C13 J9B F . 13.39 13.33 -9.42
C15 J9B F . 12.90 11.91 -9.68
C17 J9B F . 11.66 11.89 -7.35
C02 J9B F . 11.79 18.53 -6.37
C04 J9B F . 9.32 18.22 -6.43
C06 J9B F . 7.71 20.12 -6.67
C07 J9B F . 9.51 16.72 -6.22
C08 J9B F . 10.76 16.21 -6.12
C11 J9B F . 12.15 13.31 -7.09
C12 J9B F . 13.02 14.04 -8.11
C16 J9B F . 12.04 11.19 -8.65
C18 J9B F . 9.34 14.58 -5.94
N03 J9B F . 10.46 19.08 -6.50
N05 J9B F . 7.97 18.70 -6.56
N09 J9B F . 10.65 14.90 -5.95
N19 J9B F . 8.62 15.72 -6.12
N20 J9B F . 11.97 17.10 -6.20
CL01 J9B F . 13.25 19.53 -6.46
CL14 J9B F . 14.40 14.17 -10.62
S SO4 G . 14.06 27.52 11.66
O1 SO4 G . 13.82 27.01 13.01
O2 SO4 G . 12.97 28.42 11.27
O3 SO4 G . 14.11 26.42 10.71
O4 SO4 G . 15.32 28.26 11.62
S SO4 H . -2.92 27.29 22.26
O1 SO4 H . -3.41 28.55 22.86
O2 SO4 H . -4.03 26.33 22.20
O3 SO4 H . -1.85 26.75 23.09
O4 SO4 H . -2.42 27.55 20.90
S SO4 I . 13.09 9.60 -4.84
O1 SO4 I . 12.96 9.02 -3.50
O2 SO4 I . 12.02 9.05 -5.69
O3 SO4 I . 12.97 11.06 -4.73
O4 SO4 I . 14.39 9.28 -5.40
S SO4 J . -8.65 17.21 -12.13
O1 SO4 J . -8.26 16.90 -10.76
O2 SO4 J . -9.98 17.84 -12.13
O3 SO4 J . -7.69 18.13 -12.75
O4 SO4 J . -8.68 15.96 -12.89
#